data_4MBT
#
_entry.id   4MBT
#
_cell.length_a   122.560
_cell.length_b   52.600
_cell.length_c   91.610
_cell.angle_alpha   90.00
_cell.angle_beta   130.02
_cell.angle_gamma   90.00
#
_symmetry.space_group_name_H-M   'C 1 2 1'
#
loop_
_entity.id
_entity.type
_entity.pdbx_description
1 polymer VVTL1
2 non-polymer GLYCEROL
3 water water
#
_entity_poly.entity_id   1
_entity_poly.type   'polypeptide(L)'
_entity_poly.pdbx_seq_one_letter_code
;ATFDILNKCTYTVWAAASPGGGRRLDSGQSWTITVNPGTTNARIWGRTSCTFDANGRGKCETGDCNGLLECQGYGSPPNT
LAEFALNQPNNLDYIDISLVDGFNIPMDFSGCRGIQCSVDINGQCPSELKAPGGCNNPCTVFKTNEYCCTDGPGSCGPTT
YSKFFKDRCPDAYSYPQDDKTSLFTCPSGTNYKVTFCP
;
_entity_poly.pdbx_strand_id   A,B
#
loop_
_chem_comp.id
_chem_comp.type
_chem_comp.name
_chem_comp.formula
GOL non-polymer GLYCEROL 'C3 H8 O3'
#
# COMPACT_ATOMS: atom_id res chain seq x y z
N ALA A 1 8.03 8.88 -4.67
CA ALA A 1 7.15 8.40 -5.78
C ALA A 1 6.27 7.21 -5.34
N THR A 2 5.05 7.19 -5.84
N THR A 2 5.01 7.17 -5.79
CA THR A 2 4.17 6.05 -5.63
CA THR A 2 4.20 5.96 -5.56
C THR A 2 4.34 5.03 -6.77
C THR A 2 4.37 5.02 -6.74
N PHE A 3 4.25 3.70 -6.47
CA PHE A 3 4.29 2.62 -7.46
C PHE A 3 3.04 1.75 -7.24
N ASP A 4 2.20 1.72 -8.24
N ASP A 4 2.19 1.66 -8.26
CA ASP A 4 1.11 0.80 -8.25
CA ASP A 4 1.00 0.83 -8.26
C ASP A 4 1.65 -0.44 -9.00
C ASP A 4 1.36 -0.47 -9.05
N ILE A 5 1.55 -1.57 -8.33
CA ILE A 5 2.00 -2.84 -8.93
C ILE A 5 0.81 -3.80 -9.10
N LEU A 6 0.52 -4.13 -10.34
CA LEU A 6 -0.69 -4.85 -10.63
C LEU A 6 -0.37 -6.16 -11.29
N ASN A 7 -0.95 -7.26 -10.77
CA ASN A 7 -0.94 -8.57 -11.43
C ASN A 7 -2.11 -8.82 -12.42
N LYS A 8 -1.82 -8.82 -13.74
CA LYS A 8 -2.84 -9.22 -14.71
C LYS A 8 -2.62 -10.64 -15.20
N CYS A 9 -1.61 -11.31 -14.66
CA CYS A 9 -1.34 -12.73 -15.03
C CYS A 9 -2.48 -13.59 -14.56
N THR A 10 -2.65 -14.74 -15.23
CA THR A 10 -3.68 -15.70 -14.83
C THR A 10 -3.18 -16.53 -13.69
N TYR A 11 -1.95 -16.29 -13.24
CA TYR A 11 -1.39 -17.10 -12.13
C TYR A 11 -0.94 -16.15 -11.03
N THR A 12 -0.81 -16.60 -9.78
CA THR A 12 -0.45 -15.75 -8.65
C THR A 12 1.02 -15.30 -8.84
N VAL A 13 1.27 -14.03 -8.53
N VAL A 13 1.28 -14.02 -8.56
CA VAL A 13 2.64 -13.53 -8.58
CA VAL A 13 2.66 -13.53 -8.56
C VAL A 13 2.92 -12.97 -7.22
C VAL A 13 2.94 -13.01 -7.22
N TRP A 14 4.04 -13.46 -6.61
CA TRP A 14 4.38 -12.84 -5.36
C TRP A 14 5.26 -11.64 -5.66
N ALA A 15 4.66 -10.46 -5.57
CA ALA A 15 5.39 -9.23 -5.91
C ALA A 15 6.43 -8.96 -4.79
N ALA A 16 7.46 -8.24 -5.17
CA ALA A 16 8.62 -7.99 -4.24
C ALA A 16 9.16 -6.56 -4.55
N ALA A 17 9.75 -5.92 -3.59
CA ALA A 17 10.35 -4.60 -3.82
C ALA A 17 11.53 -4.43 -2.90
N SER A 18 12.58 -3.81 -3.42
CA SER A 18 13.69 -3.35 -2.59
C SER A 18 13.84 -1.89 -2.84
N PRO A 19 13.45 -1.02 -1.88
CA PRO A 19 12.84 -1.33 -0.58
C PRO A 19 11.32 -1.41 -0.70
N GLY A 20 10.68 -2.14 0.21
CA GLY A 20 9.22 -2.23 0.20
C GLY A 20 8.62 -3.49 0.68
N GLY A 21 9.28 -4.60 0.44
CA GLY A 21 8.86 -5.85 1.02
C GLY A 21 8.31 -6.79 0.02
N GLY A 22 7.10 -7.26 0.28
CA GLY A 22 6.55 -8.24 -0.73
C GLY A 22 5.09 -8.51 -0.41
N ARG A 23 4.35 -8.96 -1.38
CA ARG A 23 2.90 -9.25 -1.27
C ARG A 23 2.50 -10.31 -2.21
N ARG A 24 1.67 -11.23 -1.70
CA ARG A 24 1.00 -12.14 -2.63
C ARG A 24 -0.02 -11.43 -3.43
N LEU A 25 0.06 -11.57 -4.74
CA LEU A 25 -0.95 -11.00 -5.62
C LEU A 25 -1.61 -12.11 -6.42
N ASP A 26 -2.82 -12.51 -6.09
CA ASP A 26 -3.49 -13.41 -7.03
C ASP A 26 -3.92 -12.61 -8.25
N SER A 27 -4.48 -13.30 -9.22
CA SER A 27 -4.86 -12.63 -10.45
C SER A 27 -5.76 -11.44 -10.26
N GLY A 28 -5.31 -10.29 -10.77
CA GLY A 28 -6.11 -9.03 -10.77
C GLY A 28 -5.83 -8.19 -9.55
N GLN A 29 -5.07 -8.73 -8.59
CA GLN A 29 -4.74 -7.94 -7.41
C GLN A 29 -3.58 -6.95 -7.65
N SER A 30 -3.59 -5.89 -6.83
CA SER A 30 -2.56 -4.82 -6.81
C SER A 30 -2.00 -4.45 -5.43
N TRP A 31 -0.81 -3.85 -5.41
CA TRP A 31 -0.14 -3.43 -4.19
C TRP A 31 0.48 -2.11 -4.47
N THR A 32 0.21 -1.08 -3.62
CA THR A 32 0.73 0.20 -3.89
C THR A 32 1.74 0.52 -2.82
N ILE A 33 2.90 0.96 -3.25
CA ILE A 33 3.96 1.33 -2.32
C ILE A 33 4.52 2.71 -2.59
N THR A 34 5.08 3.32 -1.55
CA THR A 34 5.82 4.60 -1.66
C THR A 34 7.32 4.31 -1.51
N VAL A 35 8.12 4.91 -2.41
CA VAL A 35 9.55 4.84 -2.31
C VAL A 35 10.02 6.28 -2.25
N ASN A 36 10.79 6.60 -1.23
CA ASN A 36 11.16 8.03 -1.05
C ASN A 36 12.17 8.60 -2.06
N PRO A 37 12.03 9.89 -2.35
CA PRO A 37 13.01 10.52 -3.22
C PRO A 37 14.48 10.39 -2.68
N GLY A 38 15.42 10.16 -3.59
CA GLY A 38 16.80 9.95 -3.23
C GLY A 38 17.18 8.48 -3.20
N THR A 39 16.17 7.59 -3.27
CA THR A 39 16.45 6.17 -3.22
C THR A 39 17.09 5.73 -4.55
N THR A 40 18.14 4.89 -4.49
CA THR A 40 18.85 4.48 -5.70
C THR A 40 18.90 2.97 -5.55
N ASN A 41 19.44 2.27 -6.53
CA ASN A 41 19.56 0.77 -6.34
C ASN A 41 18.24 0.06 -6.08
N ALA A 42 17.11 0.64 -6.44
CA ALA A 42 15.84 0.09 -6.07
C ALA A 42 15.36 -0.78 -7.21
N ARG A 43 14.49 -1.71 -6.83
CA ARG A 43 13.89 -2.59 -7.90
C ARG A 43 12.56 -3.24 -7.43
N ILE A 44 11.66 -3.46 -8.38
CA ILE A 44 10.40 -4.19 -8.19
C ILE A 44 10.42 -5.39 -9.13
N TRP A 45 10.08 -6.55 -8.61
CA TRP A 45 9.97 -7.77 -9.42
C TRP A 45 8.85 -8.63 -8.92
N GLY A 46 8.61 -9.70 -9.67
CA GLY A 46 7.62 -10.75 -9.34
C GLY A 46 8.34 -12.07 -9.20
N ARG A 47 7.77 -12.94 -8.36
CA ARG A 47 8.25 -14.25 -8.08
C ARG A 47 7.16 -15.23 -8.36
N THR A 48 7.62 -16.34 -8.95
CA THR A 48 6.67 -17.44 -9.35
C THR A 48 6.83 -18.66 -8.47
N SER A 49 5.71 -19.28 -8.20
N SER A 49 5.71 -19.30 -8.19
CA SER A 49 5.69 -20.62 -7.60
CA SER A 49 5.71 -20.62 -7.58
C SER A 49 6.32 -20.62 -6.22
C SER A 49 6.32 -20.62 -6.20
N CYS A 50 5.70 -19.82 -5.36
CA CYS A 50 6.23 -19.67 -4.03
C CYS A 50 5.47 -20.56 -3.03
N THR A 51 6.08 -20.81 -1.87
CA THR A 51 5.42 -21.47 -0.78
C THR A 51 5.91 -20.83 0.50
N PHE A 52 5.01 -20.30 1.31
CA PHE A 52 5.34 -19.64 2.55
C PHE A 52 4.50 -20.14 3.71
N ASP A 53 5.15 -20.15 4.87
CA ASP A 53 4.46 -20.60 6.10
C ASP A 53 3.74 -19.41 6.77
N ALA A 54 3.06 -19.65 7.89
CA ALA A 54 2.37 -18.58 8.60
C ALA A 54 3.25 -17.41 8.99
N ASN A 55 4.55 -17.64 9.04
CA ASN A 55 5.51 -16.54 9.36
C ASN A 55 6.17 -15.87 8.17
N GLY A 56 5.84 -16.35 7.02
CA GLY A 56 6.29 -15.71 5.76
C GLY A 56 7.66 -16.22 5.38
N ARG A 57 7.95 -17.44 5.73
CA ARG A 57 9.26 -17.96 5.39
C ARG A 57 9.00 -19.12 4.51
N GLY A 58 9.89 -19.32 3.58
CA GLY A 58 9.59 -20.37 2.57
C GLY A 58 10.55 -20.21 1.38
N LYS A 59 10.04 -20.47 0.20
CA LYS A 59 10.91 -20.52 -0.96
C LYS A 59 10.09 -20.26 -2.25
N CYS A 60 10.70 -19.49 -3.19
CA CYS A 60 10.10 -19.27 -4.48
C CYS A 60 10.92 -19.91 -5.59
N GLU A 61 10.26 -20.36 -6.65
CA GLU A 61 10.97 -20.92 -7.82
C GLU A 61 11.80 -19.87 -8.52
N THR A 62 11.22 -18.68 -8.71
CA THR A 62 12.02 -17.55 -9.26
C THR A 62 11.94 -16.32 -8.40
N GLY A 63 13.03 -15.55 -8.43
CA GLY A 63 13.05 -14.31 -7.68
C GLY A 63 13.15 -14.38 -6.16
N ASP A 64 13.43 -15.56 -5.62
CA ASP A 64 13.46 -15.75 -4.17
C ASP A 64 14.40 -14.77 -3.47
N CYS A 65 13.92 -14.13 -2.41
CA CYS A 65 14.78 -13.19 -1.63
C CYS A 65 15.04 -13.79 -0.21
N ASN A 66 16.08 -14.55 -0.13
CA ASN A 66 16.48 -15.20 1.17
C ASN A 66 15.33 -15.96 1.83
N GLY A 67 14.41 -16.48 1.02
CA GLY A 67 13.28 -17.29 1.61
C GLY A 67 12.24 -16.50 2.38
N LEU A 68 12.12 -15.20 2.20
CA LEU A 68 11.06 -14.39 2.82
C LEU A 68 9.93 -13.95 1.92
N LEU A 69 8.72 -13.84 2.50
CA LEU A 69 7.65 -13.19 1.72
C LEU A 69 7.91 -11.70 1.58
N GLU A 70 8.33 -11.10 2.68
CA GLU A 70 8.48 -9.66 2.68
C GLU A 70 9.99 -9.42 2.47
N CYS A 71 10.40 -9.17 1.20
CA CYS A 71 11.85 -9.13 0.91
C CYS A 71 12.54 -7.98 1.65
N GLN A 72 13.77 -8.27 1.98
CA GLN A 72 14.65 -7.26 2.54
C GLN A 72 15.99 -7.19 1.82
N GLY A 73 15.94 -7.52 0.53
CA GLY A 73 17.06 -7.55 -0.32
C GLY A 73 16.65 -8.11 -1.67
N TYR A 74 17.64 -8.18 -2.54
CA TYR A 74 17.39 -8.61 -3.92
C TYR A 74 17.00 -10.10 -4.00
N GLY A 75 16.32 -10.43 -5.09
CA GLY A 75 15.96 -11.80 -5.45
C GLY A 75 17.01 -12.55 -6.30
N SER A 76 16.77 -13.86 -6.36
CA SER A 76 17.62 -14.79 -7.10
C SER A 76 17.15 -14.83 -8.54
N PRO A 77 18.09 -14.68 -9.50
CA PRO A 77 17.71 -14.75 -10.86
C PRO A 77 17.15 -16.15 -11.24
N PRO A 78 16.33 -16.32 -12.28
CA PRO A 78 15.98 -15.29 -13.25
C PRO A 78 14.75 -14.51 -12.70
N ASN A 79 14.80 -13.17 -12.85
CA ASN A 79 13.67 -12.35 -12.51
C ASN A 79 13.60 -11.08 -13.38
N THR A 80 12.49 -10.85 -14.10
CA THR A 80 12.36 -9.59 -14.80
C THR A 80 12.41 -8.45 -13.79
N LEU A 81 13.18 -7.42 -14.08
CA LEU A 81 13.25 -6.24 -13.14
C LEU A 81 12.74 -4.88 -13.61
N ALA A 82 12.00 -4.20 -12.75
CA ALA A 82 11.72 -2.74 -12.99
C ALA A 82 12.76 -2.04 -12.10
N GLU A 83 13.74 -1.36 -12.62
CA GLU A 83 14.79 -0.70 -11.80
C GLU A 83 14.60 0.80 -11.82
N PHE A 84 14.95 1.40 -10.68
CA PHE A 84 14.81 2.90 -10.60
C PHE A 84 15.72 3.51 -9.58
N ALA A 85 16.02 4.82 -9.80
CA ALA A 85 16.73 5.60 -8.87
C ALA A 85 16.03 6.97 -8.96
N LEU A 86 15.62 7.49 -7.79
CA LEU A 86 14.70 8.64 -7.69
C LEU A 86 15.39 9.94 -7.31
N ASN A 87 14.99 11.02 -7.96
CA ASN A 87 15.58 12.36 -7.59
C ASN A 87 17.08 12.51 -7.65
N GLN A 88 17.64 12.01 -8.71
CA GLN A 88 19.03 12.12 -9.01
C GLN A 88 19.29 13.56 -9.61
N PRO A 89 20.58 13.94 -9.77
CA PRO A 89 20.92 15.33 -10.21
C PRO A 89 20.06 15.88 -11.41
N ASN A 90 19.69 17.17 -11.39
CA ASN A 90 18.67 17.76 -12.29
C ASN A 90 17.22 17.24 -12.08
N ASN A 91 16.91 16.83 -10.86
CA ASN A 91 15.57 16.35 -10.49
C ASN A 91 15.12 15.28 -11.47
N LEU A 92 16.02 14.30 -11.69
CA LEU A 92 15.69 13.19 -12.63
C LEU A 92 15.55 11.86 -11.92
N ASP A 93 14.53 11.13 -12.32
CA ASP A 93 14.43 9.66 -11.96
C ASP A 93 14.96 8.90 -13.14
N TYR A 94 15.70 7.79 -12.94
CA TYR A 94 16.25 6.99 -13.97
C TYR A 94 15.56 5.66 -13.82
N ILE A 95 14.94 5.23 -14.89
CA ILE A 95 14.12 4.05 -14.83
C ILE A 95 14.55 3.11 -15.93
N ASP A 96 14.33 1.81 -15.70
CA ASP A 96 14.49 0.91 -16.83
C ASP A 96 13.88 -0.40 -16.50
N ILE A 97 13.60 -1.18 -17.52
CA ILE A 97 13.39 -2.66 -17.33
C ILE A 97 14.69 -3.31 -17.66
N SER A 98 15.14 -4.21 -16.79
CA SER A 98 16.34 -4.96 -17.08
C SER A 98 16.06 -6.49 -17.19
N LEU A 99 16.75 -7.09 -18.13
CA LEU A 99 16.86 -8.59 -18.27
C LEU A 99 18.25 -9.09 -17.93
N VAL A 100 19.08 -8.24 -17.29
CA VAL A 100 20.44 -8.60 -16.96
C VAL A 100 20.49 -9.67 -15.82
N ASP A 101 19.45 -9.72 -15.00
CA ASP A 101 19.28 -10.80 -14.02
C ASP A 101 18.19 -11.73 -14.44
N GLY A 102 18.01 -11.81 -15.74
CA GLY A 102 17.01 -12.72 -16.34
C GLY A 102 15.58 -12.24 -16.52
N PHE A 103 14.79 -13.20 -17.06
CA PHE A 103 13.41 -13.06 -17.34
C PHE A 103 12.62 -14.14 -16.56
N ASN A 104 11.46 -13.74 -16.05
CA ASN A 104 10.56 -14.71 -15.52
C ASN A 104 9.10 -14.44 -15.84
N ILE A 105 8.73 -13.18 -15.74
CA ILE A 105 7.34 -12.79 -15.97
C ILE A 105 7.29 -11.56 -16.89
N PRO A 106 6.37 -11.54 -17.84
CA PRO A 106 6.30 -10.37 -18.67
C PRO A 106 5.89 -9.11 -17.88
N MET A 107 6.44 -7.95 -18.24
CA MET A 107 6.29 -6.72 -17.40
C MET A 107 6.07 -5.46 -18.29
N ASP A 108 5.28 -4.53 -17.76
CA ASP A 108 5.20 -3.17 -18.27
C ASP A 108 5.58 -2.27 -17.09
N PHE A 109 6.40 -1.25 -17.31
CA PHE A 109 6.81 -0.30 -16.32
C PHE A 109 6.51 1.06 -16.99
N SER A 110 5.61 1.83 -16.37
CA SER A 110 5.19 3.05 -17.03
C SER A 110 5.29 4.22 -16.07
N GLY A 111 5.71 5.37 -16.62
CA GLY A 111 5.76 6.64 -15.84
C GLY A 111 5.43 7.75 -16.86
N CYS A 112 6.45 8.52 -17.21
CA CYS A 112 6.30 9.54 -18.24
C CYS A 112 6.34 8.89 -19.64
N ARG A 113 6.67 7.61 -19.68
CA ARG A 113 6.69 6.81 -20.91
C ARG A 113 6.48 5.37 -20.54
N GLY A 114 6.08 4.55 -21.50
CA GLY A 114 5.83 3.14 -21.18
C GLY A 114 7.02 2.33 -21.68
N ILE A 115 7.50 1.40 -20.84
CA ILE A 115 8.53 0.38 -21.17
C ILE A 115 7.85 -0.97 -21.00
N GLN A 116 8.05 -1.89 -21.95
CA GLN A 116 7.31 -3.15 -21.91
C GLN A 116 8.14 -4.29 -22.43
N CYS A 117 8.24 -5.39 -21.66
CA CYS A 117 8.80 -6.61 -22.23
C CYS A 117 7.72 -7.71 -22.08
N SER A 118 7.02 -7.98 -23.19
CA SER A 118 5.86 -8.94 -23.06
C SER A 118 5.87 -10.19 -23.93
N VAL A 119 6.94 -10.47 -24.63
CA VAL A 119 6.83 -11.60 -25.54
C VAL A 119 7.15 -12.90 -24.75
N ASP A 120 6.92 -14.06 -25.40
CA ASP A 120 7.13 -15.35 -24.74
C ASP A 120 8.57 -15.77 -24.61
N ILE A 121 9.33 -15.10 -23.71
CA ILE A 121 10.74 -15.38 -23.63
C ILE A 121 10.97 -16.73 -23.03
N ASN A 122 10.12 -17.20 -22.08
CA ASN A 122 10.37 -18.49 -21.51
C ASN A 122 10.21 -19.59 -22.56
N GLY A 123 9.27 -19.39 -23.50
CA GLY A 123 8.89 -20.50 -24.42
C GLY A 123 10.00 -20.62 -25.44
N GLN A 124 10.66 -19.49 -25.74
CA GLN A 124 11.72 -19.47 -26.77
C GLN A 124 13.19 -19.54 -26.22
N CYS A 125 13.34 -19.65 -24.90
CA CYS A 125 14.67 -19.51 -24.28
C CYS A 125 15.67 -20.56 -24.77
N PRO A 126 16.87 -20.11 -25.16
CA PRO A 126 17.94 -21.02 -25.58
C PRO A 126 18.18 -22.03 -24.48
N SER A 127 18.56 -23.26 -24.84
CA SER A 127 18.77 -24.22 -23.80
C SER A 127 19.93 -23.96 -22.83
N GLU A 128 20.93 -23.20 -23.25
CA GLU A 128 22.04 -22.78 -22.40
C GLU A 128 21.61 -21.91 -21.23
N LEU A 129 20.44 -21.28 -21.37
CA LEU A 129 19.99 -20.21 -20.44
C LEU A 129 18.79 -20.66 -19.66
N LYS A 130 18.12 -21.74 -20.06
CA LYS A 130 16.85 -22.11 -19.39
C LYS A 130 17.03 -22.41 -17.89
N ALA A 131 16.05 -21.98 -17.09
CA ALA A 131 15.92 -22.26 -15.67
C ALA A 131 14.48 -22.59 -15.40
N PRO A 132 14.24 -23.27 -14.30
CA PRO A 132 12.85 -23.48 -13.88
C PRO A 132 12.09 -22.16 -13.68
N GLY A 133 11.04 -22.00 -14.48
CA GLY A 133 10.18 -20.80 -14.45
C GLY A 133 10.74 -19.58 -15.13
N GLY A 134 11.87 -19.67 -15.80
CA GLY A 134 12.41 -18.46 -16.49
C GLY A 134 13.59 -18.69 -17.40
N CYS A 135 14.24 -17.59 -17.76
CA CYS A 135 15.32 -17.63 -18.75
C CYS A 135 16.44 -16.76 -18.18
N ASN A 136 17.56 -17.39 -17.86
CA ASN A 136 18.67 -16.55 -17.32
C ASN A 136 19.44 -15.71 -18.33
N ASN A 137 20.02 -14.60 -17.88
CA ASN A 137 20.94 -13.78 -18.71
C ASN A 137 22.19 -14.57 -18.80
N PRO A 138 22.93 -14.54 -19.90
CA PRO A 138 24.19 -15.30 -19.93
C PRO A 138 25.17 -14.83 -18.88
N CYS A 139 25.08 -13.55 -18.42
CA CYS A 139 26.03 -13.21 -17.38
C CYS A 139 25.83 -13.96 -16.09
N THR A 140 24.57 -14.25 -15.74
CA THR A 140 24.29 -14.96 -14.44
C THR A 140 24.91 -16.35 -14.50
N VAL A 141 24.88 -16.92 -15.68
CA VAL A 141 25.23 -18.29 -15.89
C VAL A 141 26.67 -18.53 -16.33
N PHE A 142 27.19 -17.63 -17.15
CA PHE A 142 28.53 -17.89 -17.62
C PHE A 142 29.39 -16.74 -17.14
N LYS A 143 30.30 -16.95 -16.34
CA LYS A 143 30.85 -15.72 -15.67
C LYS A 143 32.10 -15.28 -16.45
N THR A 144 31.88 -14.51 -17.53
CA THR A 144 33.08 -14.05 -18.29
C THR A 144 32.82 -12.60 -18.67
N ASN A 145 33.87 -11.91 -19.06
CA ASN A 145 33.67 -10.54 -19.33
C ASN A 145 32.84 -10.29 -20.53
N GLU A 146 32.92 -11.17 -21.52
CA GLU A 146 32.10 -11.04 -22.65
C GLU A 146 30.63 -10.81 -22.27
N TYR A 147 30.10 -11.51 -21.27
CA TYR A 147 28.69 -11.28 -20.87
C TYR A 147 28.50 -10.38 -19.64
N CYS A 148 29.49 -10.24 -18.80
CA CYS A 148 29.34 -9.58 -17.52
C CYS A 148 29.88 -8.18 -17.48
N CYS A 149 30.75 -7.85 -18.42
CA CYS A 149 31.33 -6.47 -18.56
C CYS A 149 32.11 -6.02 -17.32
N THR A 150 32.87 -6.90 -16.70
CA THR A 150 33.60 -6.54 -15.44
C THR A 150 34.89 -5.73 -15.67
N ASP A 151 35.43 -5.84 -16.86
CA ASP A 151 36.70 -5.27 -17.18
C ASP A 151 36.68 -3.76 -17.54
N GLY A 152 35.55 -3.08 -17.38
CA GLY A 152 35.59 -1.61 -17.50
C GLY A 152 34.67 -1.18 -18.59
N PRO A 153 34.38 0.16 -18.68
CA PRO A 153 33.52 0.76 -19.73
C PRO A 153 33.93 0.41 -21.16
N GLY A 154 33.02 -0.10 -22.02
CA GLY A 154 33.34 -0.28 -23.43
C GLY A 154 34.02 -1.64 -23.70
N SER A 155 34.20 -2.38 -22.61
CA SER A 155 34.92 -3.66 -22.76
C SER A 155 34.01 -4.81 -23.17
N CYS A 156 32.70 -4.57 -23.23
CA CYS A 156 31.81 -5.65 -23.69
C CYS A 156 30.80 -5.06 -24.63
N GLY A 157 30.02 -5.91 -25.26
CA GLY A 157 29.05 -5.37 -26.21
C GLY A 157 28.01 -6.45 -26.38
N PRO A 158 27.15 -6.30 -27.35
CA PRO A 158 26.07 -7.31 -27.50
C PRO A 158 26.68 -8.72 -27.94
N THR A 159 26.04 -9.79 -27.49
CA THR A 159 26.46 -11.14 -27.82
C THR A 159 25.24 -11.86 -28.39
N THR A 160 25.46 -13.03 -28.94
N THR A 160 25.44 -13.04 -28.95
CA THR A 160 24.36 -13.80 -29.43
CA THR A 160 24.26 -13.76 -29.47
C THR A 160 23.24 -14.01 -28.41
C THR A 160 23.19 -14.01 -28.40
N TYR A 161 23.64 -14.21 -27.14
CA TYR A 161 22.72 -14.46 -26.07
C TYR A 161 22.02 -13.19 -25.59
N SER A 162 22.71 -12.04 -25.54
CA SER A 162 22.04 -10.87 -25.18
C SER A 162 21.06 -10.42 -26.30
N LYS A 163 21.42 -10.67 -27.57
CA LYS A 163 20.55 -10.31 -28.71
C LYS A 163 19.28 -11.12 -28.69
N PHE A 164 19.31 -12.34 -28.08
CA PHE A 164 18.10 -13.12 -27.93
C PHE A 164 17.11 -12.25 -27.14
N PHE A 165 17.57 -11.61 -26.07
CA PHE A 165 16.63 -10.82 -25.26
C PHE A 165 16.26 -9.51 -25.98
N LYS A 166 17.25 -8.91 -26.64
CA LYS A 166 17.11 -7.56 -27.14
C LYS A 166 16.21 -7.56 -28.38
N ASP A 167 16.32 -8.63 -29.14
CA ASP A 167 15.47 -8.76 -30.31
C ASP A 167 14.01 -8.87 -29.90
N ARG A 168 13.74 -9.38 -28.70
CA ARG A 168 12.34 -9.58 -28.29
C ARG A 168 11.84 -8.42 -27.47
N CYS A 169 12.72 -7.76 -26.70
CA CYS A 169 12.39 -6.64 -25.83
C CYS A 169 13.45 -5.54 -26.04
N PRO A 170 13.28 -4.75 -27.14
CA PRO A 170 14.31 -3.79 -27.56
C PRO A 170 14.51 -2.73 -26.52
N ASP A 171 13.49 -2.51 -25.65
CA ASP A 171 13.67 -1.38 -24.75
C ASP A 171 14.25 -1.75 -23.40
N ALA A 172 14.53 -3.06 -23.19
CA ALA A 172 14.99 -3.46 -21.84
C ALA A 172 16.54 -3.72 -21.90
N TYR A 173 17.24 -3.52 -20.78
CA TYR A 173 18.64 -3.86 -20.80
C TYR A 173 18.88 -5.34 -21.04
N SER A 174 19.72 -5.64 -21.97
CA SER A 174 19.97 -7.02 -22.33
C SER A 174 21.38 -7.46 -21.87
N TYR A 175 22.24 -6.54 -21.55
CA TYR A 175 23.55 -6.84 -21.05
C TYR A 175 23.97 -5.65 -20.15
N PRO A 176 24.99 -5.79 -19.33
CA PRO A 176 25.18 -4.74 -18.34
C PRO A 176 25.43 -3.37 -18.84
N GLN A 177 26.02 -3.23 -20.04
N GLN A 177 26.03 -3.22 -20.03
CA GLN A 177 26.37 -1.88 -20.55
CA GLN A 177 26.34 -1.84 -20.49
C GLN A 177 25.45 -1.49 -21.69
C GLN A 177 25.45 -1.47 -21.67
N ASP A 178 24.20 -1.93 -21.61
CA ASP A 178 23.27 -1.71 -22.70
C ASP A 178 22.48 -0.36 -22.53
N ASP A 179 23.17 0.63 -21.98
CA ASP A 179 22.51 1.86 -21.54
C ASP A 179 21.92 2.72 -22.66
N LYS A 180 22.63 2.82 -23.78
CA LYS A 180 22.15 3.82 -24.76
C LYS A 180 20.68 3.62 -25.12
N THR A 181 20.24 2.37 -25.26
CA THR A 181 18.88 2.08 -25.65
C THR A 181 17.97 1.50 -24.57
N SER A 182 18.43 1.49 -23.31
CA SER A 182 17.62 0.90 -22.29
C SER A 182 17.44 1.81 -21.07
N LEU A 183 18.22 2.90 -20.92
CA LEU A 183 18.10 3.72 -19.73
C LEU A 183 17.25 4.98 -20.00
N PHE A 184 16.18 5.15 -19.27
CA PHE A 184 15.20 6.29 -19.55
C PHE A 184 15.15 7.16 -18.34
N THR A 185 14.74 8.41 -18.50
CA THR A 185 14.48 9.21 -17.30
C THR A 185 13.07 9.76 -17.30
N CYS A 186 12.58 10.11 -16.11
CA CYS A 186 11.36 10.91 -15.93
C CYS A 186 11.65 12.04 -14.94
N PRO A 187 10.84 13.12 -14.99
CA PRO A 187 11.08 14.19 -14.02
C PRO A 187 10.71 13.72 -12.63
N SER A 188 11.53 14.02 -11.63
CA SER A 188 11.14 13.71 -10.28
C SER A 188 9.76 14.25 -9.95
N GLY A 189 8.95 13.40 -9.33
CA GLY A 189 7.58 13.73 -8.99
C GLY A 189 6.62 12.88 -9.85
N THR A 190 7.13 12.24 -10.90
CA THR A 190 6.35 11.31 -11.68
C THR A 190 6.02 10.12 -10.73
N ASN A 191 4.85 9.53 -10.94
CA ASN A 191 4.50 8.27 -10.23
C ASN A 191 4.33 7.21 -11.27
N TYR A 192 4.41 5.95 -10.82
CA TYR A 192 4.65 4.81 -11.71
C TYR A 192 3.68 3.67 -11.56
N LYS A 193 3.58 2.86 -12.60
CA LYS A 193 2.75 1.65 -12.56
C LYS A 193 3.67 0.49 -13.04
N VAL A 194 3.64 -0.64 -12.35
CA VAL A 194 4.39 -1.86 -12.83
C VAL A 194 3.28 -2.92 -12.97
N THR A 195 3.21 -3.54 -14.14
CA THR A 195 2.06 -4.44 -14.42
C THR A 195 2.70 -5.76 -14.88
N PHE A 196 2.35 -6.85 -14.19
CA PHE A 196 2.72 -8.18 -14.66
C PHE A 196 1.75 -8.69 -15.68
N CYS A 197 2.28 -9.36 -16.68
CA CYS A 197 1.44 -9.79 -17.84
C CYS A 197 0.56 -8.72 -18.45
N PRO A 198 1.17 -7.56 -18.89
CA PRO A 198 0.40 -6.49 -19.59
C PRO A 198 -0.28 -6.95 -20.89
N ALA B 1 -12.09 -4.16 -1.74
CA ALA B 1 -12.00 -2.65 -1.95
C ALA B 1 -10.67 -2.06 -1.61
N THR B 2 -10.24 -1.08 -2.39
N THR B 2 -10.20 -1.10 -2.40
CA THR B 2 -9.04 -0.34 -2.13
CA THR B 2 -9.02 -0.36 -1.98
C THR B 2 -9.45 0.85 -1.26
C THR B 2 -9.46 0.84 -1.23
N PHE B 3 -8.57 1.21 -0.29
CA PHE B 3 -8.72 2.42 0.48
C PHE B 3 -7.43 3.25 0.39
N ASP B 4 -7.55 4.46 -0.09
N ASP B 4 -7.54 4.50 -0.05
CA ASP B 4 -6.44 5.30 -0.03
CA ASP B 4 -6.42 5.44 -0.13
C ASP B 4 -6.64 6.15 1.25
C ASP B 4 -6.50 6.44 1.06
N ILE B 5 -5.58 6.33 1.99
CA ILE B 5 -5.67 7.09 3.21
C ILE B 5 -4.63 8.22 3.14
N LEU B 6 -5.10 9.47 3.24
CA LEU B 6 -4.20 10.62 2.95
C LEU B 6 -4.19 11.49 4.16
N ASN B 7 -3.01 11.91 4.64
CA ASN B 7 -2.87 12.91 5.67
C ASN B 7 -2.69 14.34 5.10
N LYS B 8 -3.73 15.15 5.22
CA LYS B 8 -3.65 16.59 4.81
C LYS B 8 -3.36 17.48 5.99
N CYS B 9 -3.27 16.95 7.21
CA CYS B 9 -2.97 17.72 8.39
C CYS B 9 -1.60 18.29 8.30
N THR B 10 -1.40 19.40 9.00
CA THR B 10 -0.09 19.99 9.16
C THR B 10 0.77 19.22 10.16
N TYR B 11 0.22 18.26 10.88
CA TYR B 11 0.99 17.44 11.86
C TYR B 11 0.98 15.95 11.46
N THR B 12 1.97 15.21 11.92
CA THR B 12 2.09 13.77 11.60
C THR B 12 0.85 13.02 12.20
N VAL B 13 0.32 12.10 11.42
N VAL B 13 0.23 12.18 11.37
CA VAL B 13 -0.77 11.23 11.93
CA VAL B 13 -0.87 11.26 11.86
C VAL B 13 -0.32 9.82 11.70
C VAL B 13 -0.40 9.83 11.68
N TRP B 14 -0.49 8.98 12.72
CA TRP B 14 -0.10 7.64 12.57
C TRP B 14 -1.39 6.92 12.20
N ALA B 15 -1.53 6.67 10.91
CA ALA B 15 -2.74 6.01 10.43
C ALA B 15 -2.78 4.57 10.93
N ALA B 16 -4.01 4.09 11.05
CA ALA B 16 -4.31 2.74 11.60
C ALA B 16 -5.45 2.10 10.84
N ALA B 17 -5.47 0.80 10.73
CA ALA B 17 -6.55 0.08 10.11
C ALA B 17 -6.77 -1.28 10.77
N SER B 18 -8.02 -1.60 10.98
CA SER B 18 -8.40 -3.00 11.36
C SER B 18 -9.38 -3.48 10.29
N PRO B 19 -8.98 -4.39 9.37
CA PRO B 19 -7.63 -4.94 9.31
C PRO B 19 -6.69 -4.12 8.41
N GLY B 20 -5.39 -4.21 8.63
CA GLY B 20 -4.45 -3.52 7.71
C GLY B 20 -3.16 -3.06 8.37
N GLY B 21 -3.22 -2.65 9.60
CA GLY B 21 -2.02 -2.33 10.35
C GLY B 21 -1.87 -0.91 10.65
N GLY B 22 -0.75 -0.32 10.28
CA GLY B 22 -0.63 1.13 10.62
C GLY B 22 0.61 1.73 9.94
N ARG B 23 0.57 3.03 9.68
CA ARG B 23 1.71 3.74 8.93
C ARG B 23 1.84 5.12 9.48
N ARG B 24 3.11 5.53 9.74
CA ARG B 24 3.36 6.96 10.03
C ARG B 24 3.07 7.73 8.77
N LEU B 25 2.20 8.78 8.82
CA LEU B 25 1.99 9.68 7.66
C LEU B 25 2.40 11.06 8.03
N ASP B 26 3.55 11.50 7.60
CA ASP B 26 3.82 12.94 7.77
C ASP B 26 2.89 13.74 6.91
N SER B 27 2.86 15.04 7.13
CA SER B 27 2.00 15.87 6.33
C SER B 27 2.12 15.64 4.81
N GLY B 28 0.99 15.37 4.13
CA GLY B 28 0.93 15.12 2.68
C GLY B 28 1.13 13.67 2.23
N GLN B 29 1.47 12.79 3.16
CA GLN B 29 1.67 11.40 2.90
C GLN B 29 0.39 10.53 2.84
N SER B 30 0.48 9.50 1.99
CA SER B 30 -0.59 8.49 1.76
C SER B 30 -0.17 7.03 2.02
N TRP B 31 -1.19 6.21 2.35
CA TRP B 31 -1.03 4.79 2.54
C TRP B 31 -2.19 4.17 1.86
N THR B 32 -1.95 3.13 1.02
CA THR B 32 -3.04 2.53 0.30
C THR B 32 -3.11 1.11 0.70
N ILE B 33 -4.30 0.67 1.14
CA ILE B 33 -4.55 -0.69 1.52
C ILE B 33 -5.74 -1.34 0.81
N THR B 34 -5.73 -2.65 0.75
CA THR B 34 -6.88 -3.47 0.25
C THR B 34 -7.53 -4.16 1.45
N VAL B 35 -8.88 -4.09 1.49
CA VAL B 35 -9.68 -4.87 2.47
C VAL B 35 -10.56 -5.79 1.64
N ASN B 36 -10.50 -7.04 1.93
CA ASN B 36 -11.25 -8.02 1.04
C ASN B 36 -12.74 -8.01 1.22
N PRO B 37 -13.51 -8.31 0.13
CA PRO B 37 -14.95 -8.42 0.24
C PRO B 37 -15.42 -9.40 1.36
N GLY B 38 -16.48 -9.03 2.08
CA GLY B 38 -17.06 -9.87 3.13
C GLY B 38 -16.61 -9.37 4.49
N THR B 39 -15.62 -8.46 4.52
CA THR B 39 -15.02 -7.99 5.81
C THR B 39 -16.06 -7.14 6.48
N THR B 40 -16.24 -7.31 7.79
CA THR B 40 -17.22 -6.55 8.55
C THR B 40 -16.40 -6.03 9.78
N ASN B 41 -16.98 -5.26 10.66
CA ASN B 41 -16.23 -4.76 11.84
C ASN B 41 -14.95 -4.01 11.55
N ALA B 42 -14.84 -3.45 10.35
CA ALA B 42 -13.57 -2.83 9.94
C ALA B 42 -13.55 -1.35 10.23
N ARG B 43 -12.39 -0.78 10.44
CA ARG B 43 -12.30 0.64 10.75
C ARG B 43 -10.93 1.19 10.40
N ILE B 44 -10.89 2.46 9.99
CA ILE B 44 -9.63 3.18 9.72
C ILE B 44 -9.71 4.43 10.59
N TRP B 45 -8.60 4.73 11.23
CA TRP B 45 -8.48 5.87 12.08
C TRP B 45 -7.09 6.42 12.11
N GLY B 46 -6.95 7.54 12.74
CA GLY B 46 -5.71 8.34 12.88
C GLY B 46 -5.40 8.43 14.35
N ARG B 47 -4.05 8.33 14.59
CA ARG B 47 -3.52 8.46 16.03
C ARG B 47 -2.59 9.66 16.07
N THR B 48 -2.74 10.43 17.17
CA THR B 48 -1.82 11.59 17.37
C THR B 48 -0.83 11.39 18.52
N SER B 49 0.26 12.15 18.34
N SER B 49 0.28 12.13 18.35
CA SER B 49 1.37 12.24 19.30
CA SER B 49 1.39 12.21 19.29
C SER B 49 1.87 10.85 19.78
C SER B 49 1.88 10.85 19.76
N CYS B 50 2.29 10.05 18.78
CA CYS B 50 2.85 8.75 19.04
C CYS B 50 4.36 8.81 19.21
N THR B 51 4.90 7.85 19.92
CA THR B 51 6.33 7.65 19.93
C THR B 51 6.51 6.08 19.80
N PHE B 52 7.30 5.60 18.84
CA PHE B 52 7.63 4.18 18.66
C PHE B 52 9.11 3.95 18.52
N ASP B 53 9.54 2.83 19.08
CA ASP B 53 10.90 2.36 18.96
C ASP B 53 11.17 1.64 17.62
N ALA B 54 12.38 1.12 17.44
CA ALA B 54 12.80 0.48 16.21
C ALA B 54 11.95 -0.73 15.85
N ASN B 55 11.27 -1.31 16.82
CA ASN B 55 10.43 -2.49 16.57
C ASN B 55 8.95 -2.19 16.53
N GLY B 56 8.64 -0.92 16.56
CA GLY B 56 7.27 -0.44 16.43
C GLY B 56 6.48 -0.60 17.66
N ARG B 57 7.15 -0.45 18.79
CA ARG B 57 6.37 -0.57 20.04
C ARG B 57 6.47 0.76 20.73
N GLY B 58 5.38 1.23 21.29
CA GLY B 58 5.41 2.57 21.87
C GLY B 58 4.02 2.89 22.44
N LYS B 59 3.64 4.14 22.23
CA LYS B 59 2.37 4.62 22.76
C LYS B 59 1.94 5.88 22.00
N CYS B 60 0.63 5.98 21.71
CA CYS B 60 0.00 7.18 21.14
C CYS B 60 -0.92 7.87 22.15
N GLU B 61 -1.01 9.20 22.08
CA GLU B 61 -1.95 9.97 22.86
C GLU B 61 -3.38 9.67 22.56
N THR B 62 -3.68 9.43 21.26
CA THR B 62 -5.05 9.05 20.95
C THR B 62 -5.03 7.94 19.96
N GLY B 63 -6.05 7.05 20.10
CA GLY B 63 -6.25 5.91 19.21
C GLY B 63 -5.20 4.80 19.32
N ASP B 64 -4.51 4.73 20.43
CA ASP B 64 -3.46 3.72 20.55
C ASP B 64 -4.01 2.28 20.50
N CYS B 65 -3.33 1.44 19.77
CA CYS B 65 -3.77 0.08 19.57
C CYS B 65 -2.67 -0.80 20.21
N ASN B 66 -2.91 -1.03 21.51
CA ASN B 66 -2.10 -1.95 22.34
C ASN B 66 -0.61 -1.61 22.22
N GLY B 67 -0.30 -0.33 22.08
CA GLY B 67 1.14 0.12 21.95
C GLY B 67 1.89 -0.27 20.65
N LEU B 68 1.18 -0.67 19.57
CA LEU B 68 1.81 -1.08 18.29
C LEU B 68 1.75 -0.01 17.25
N LEU B 69 2.81 0.08 16.43
CA LEU B 69 2.72 0.90 15.22
C LEU B 69 1.79 0.24 14.24
N GLU B 70 1.97 -1.08 14.08
CA GLU B 70 1.10 -1.77 13.17
C GLU B 70 -0.05 -2.43 13.92
N CYS B 71 -1.21 -1.75 13.88
CA CYS B 71 -2.35 -2.21 14.69
C CYS B 71 -2.84 -3.65 14.31
N GLN B 72 -3.23 -4.32 15.38
CA GLN B 72 -3.81 -5.68 15.17
C GLN B 72 -5.12 -5.76 15.91
N GLY B 73 -5.78 -4.61 16.06
CA GLY B 73 -7.04 -4.47 16.80
C GLY B 73 -7.33 -2.99 16.98
N TYR B 74 -8.47 -2.73 17.63
CA TYR B 74 -9.00 -1.38 17.75
C TYR B 74 -8.18 -0.48 18.64
N GLY B 75 -8.28 0.82 18.39
CA GLY B 75 -7.58 1.82 19.20
C GLY B 75 -8.38 2.30 20.38
N SER B 76 -7.66 3.03 21.26
CA SER B 76 -8.19 3.58 22.48
C SER B 76 -8.87 4.94 22.18
N PRO B 77 -10.11 5.18 22.68
CA PRO B 77 -10.74 6.40 22.39
C PRO B 77 -9.96 7.58 23.12
N PRO B 78 -10.08 8.81 22.69
CA PRO B 78 -10.96 9.20 21.56
C PRO B 78 -10.24 9.03 20.23
N ASN B 79 -11.03 8.56 19.27
CA ASN B 79 -10.61 8.45 17.88
C ASN B 79 -11.73 8.54 16.84
N THR B 80 -11.64 9.54 15.89
CA THR B 80 -12.64 9.67 14.80
C THR B 80 -12.52 8.42 13.98
N LEU B 81 -13.68 7.85 13.66
CA LEU B 81 -13.58 6.50 13.01
C LEU B 81 -14.21 6.51 11.59
N ALA B 82 -13.52 5.94 10.62
CA ALA B 82 -14.23 5.57 9.33
C ALA B 82 -14.56 4.06 9.51
N GLU B 83 -15.82 3.70 9.56
CA GLU B 83 -16.18 2.28 9.74
C GLU B 83 -16.82 1.70 8.48
N PHE B 84 -16.68 0.43 8.25
CA PHE B 84 -17.24 -0.15 6.98
C PHE B 84 -17.35 -1.66 7.06
N ALA B 85 -18.31 -2.21 6.29
CA ALA B 85 -18.59 -3.60 6.17
C ALA B 85 -18.81 -3.75 4.66
N LEU B 86 -18.12 -4.67 4.07
CA LEU B 86 -18.08 -4.80 2.59
C LEU B 86 -18.81 -5.99 2.10
N ASN B 87 -19.47 -5.80 0.96
CA ASN B 87 -20.04 -6.95 0.22
C ASN B 87 -21.04 -7.75 1.08
N GLN B 88 -21.89 -7.01 1.77
CA GLN B 88 -22.99 -7.49 2.58
C GLN B 88 -24.17 -7.90 1.69
N PRO B 89 -25.21 -8.54 2.29
CA PRO B 89 -26.34 -9.02 1.45
C PRO B 89 -26.86 -7.99 0.39
N ASN B 90 -27.17 -8.46 -0.82
CA ASN B 90 -27.58 -7.57 -1.92
C ASN B 90 -26.45 -6.65 -2.39
N ASN B 91 -25.22 -7.14 -2.26
CA ASN B 91 -24.06 -6.47 -2.85
C ASN B 91 -23.94 -5.03 -2.36
N LEU B 92 -24.14 -4.87 -1.04
CA LEU B 92 -24.05 -3.53 -0.43
C LEU B 92 -22.84 -3.40 0.50
N ASP B 93 -22.17 -2.26 0.45
CA ASP B 93 -21.19 -1.88 1.45
C ASP B 93 -21.92 -0.91 2.41
N TYR B 94 -21.67 -1.02 3.75
CA TYR B 94 -22.25 -0.15 4.72
C TYR B 94 -21.07 0.69 5.28
N ILE B 95 -21.18 2.01 5.23
CA ILE B 95 -20.08 2.88 5.60
C ILE B 95 -20.66 3.97 6.49
N ASP B 96 -19.76 4.47 7.33
CA ASP B 96 -20.15 5.61 8.14
C ASP B 96 -18.88 6.24 8.74
N ILE B 97 -19.08 7.50 9.17
CA ILE B 97 -18.08 8.04 10.16
C ILE B 97 -18.73 7.97 11.50
N SER B 98 -18.00 7.52 12.53
CA SER B 98 -18.59 7.43 13.83
C SER B 98 -17.78 8.30 14.81
N LEU B 99 -18.52 8.99 15.60
CA LEU B 99 -17.95 9.71 16.81
C LEU B 99 -18.30 9.00 18.15
N VAL B 100 -18.74 7.74 18.11
CA VAL B 100 -19.28 7.01 19.26
C VAL B 100 -18.05 6.60 20.13
N ASP B 101 -16.87 6.45 19.49
CA ASP B 101 -15.60 6.29 20.19
C ASP B 101 -14.78 7.54 20.16
N GLY B 102 -15.47 8.67 20.08
CA GLY B 102 -14.88 9.99 20.26
C GLY B 102 -14.38 10.64 18.94
N PHE B 103 -13.85 11.87 19.09
CA PHE B 103 -13.23 12.65 18.06
C PHE B 103 -11.79 12.91 18.40
N ASN B 104 -10.92 12.79 17.39
CA ASN B 104 -9.54 13.24 17.57
C ASN B 104 -8.98 14.07 16.42
N ILE B 105 -9.35 13.71 15.19
CA ILE B 105 -8.83 14.32 13.97
C ILE B 105 -9.89 14.46 12.99
N PRO B 106 -9.98 15.62 12.33
CA PRO B 106 -11.01 15.86 11.36
C PRO B 106 -10.89 14.88 10.18
N MET B 107 -11.99 14.40 9.64
CA MET B 107 -11.91 13.30 8.64
C MET B 107 -12.94 13.51 7.48
N ASP B 108 -12.55 13.13 6.26
CA ASP B 108 -13.53 12.89 5.21
C ASP B 108 -13.43 11.43 4.79
N PHE B 109 -14.56 10.76 4.56
CA PHE B 109 -14.53 9.35 4.16
C PHE B 109 -15.37 9.33 2.89
N SER B 110 -14.77 9.04 1.74
CA SER B 110 -15.53 9.11 0.46
C SER B 110 -15.53 7.75 -0.18
N GLY B 111 -16.67 7.44 -0.79
CA GLY B 111 -16.75 6.19 -1.55
C GLY B 111 -17.59 6.57 -2.77
N CYS B 112 -18.86 6.17 -2.72
CA CYS B 112 -19.85 6.60 -3.75
C CYS B 112 -20.43 7.95 -3.36
N ARG B 113 -20.18 8.36 -2.12
CA ARG B 113 -20.58 9.66 -1.58
C ARG B 113 -19.46 10.19 -0.61
N GLY B 114 -19.51 11.47 -0.25
CA GLY B 114 -18.48 12.01 0.70
C GLY B 114 -19.23 12.20 2.03
N ILE B 115 -18.61 11.74 3.12
CA ILE B 115 -19.06 11.94 4.50
C ILE B 115 -17.92 12.71 5.09
N GLN B 116 -18.22 13.78 5.82
CA GLN B 116 -17.17 14.55 6.42
C GLN B 116 -17.50 14.96 7.85
N CYS B 117 -16.48 14.98 8.69
CA CYS B 117 -16.55 15.64 10.01
C CYS B 117 -15.30 16.51 10.12
N SER B 118 -15.41 17.80 9.88
CA SER B 118 -14.18 18.63 9.83
C SER B 118 -14.16 19.86 10.68
N VAL B 119 -15.18 20.04 11.49
CA VAL B 119 -15.28 21.14 12.46
C VAL B 119 -14.24 21.05 13.60
N ASP B 120 -14.00 22.18 14.31
CA ASP B 120 -13.04 22.17 15.40
C ASP B 120 -13.64 21.58 16.67
N ILE B 121 -13.91 20.24 16.68
CA ILE B 121 -14.56 19.67 17.85
C ILE B 121 -13.65 19.77 19.06
N ASN B 122 -12.35 19.66 18.93
CA ASN B 122 -11.49 19.63 20.10
C ASN B 122 -11.51 20.95 20.84
N GLY B 123 -11.57 22.01 20.06
CA GLY B 123 -11.51 23.38 20.61
C GLY B 123 -12.78 23.72 21.31
N GLN B 124 -13.88 23.13 20.91
CA GLN B 124 -15.21 23.35 21.49
C GLN B 124 -15.66 22.25 22.54
N CYS B 125 -14.88 21.20 22.71
CA CYS B 125 -15.32 20.06 23.53
C CYS B 125 -15.76 20.50 24.94
N PRO B 126 -16.90 20.01 25.39
CA PRO B 126 -17.36 20.17 26.76
C PRO B 126 -16.37 19.62 27.76
N SER B 127 -16.19 20.32 28.88
CA SER B 127 -15.29 19.88 29.93
C SER B 127 -15.48 18.40 30.29
N GLU B 128 -16.74 17.99 30.44
CA GLU B 128 -17.05 16.66 30.84
C GLU B 128 -16.45 15.63 29.91
N LEU B 129 -16.16 15.99 28.68
CA LEU B 129 -15.77 15.05 27.67
C LEU B 129 -14.28 15.19 27.26
N LYS B 130 -13.63 16.29 27.59
CA LYS B 130 -12.29 16.54 27.08
C LYS B 130 -11.28 15.46 27.47
N ALA B 131 -10.39 15.15 26.54
CA ALA B 131 -9.28 14.17 26.79
C ALA B 131 -8.09 14.81 26.10
N PRO B 132 -6.92 14.37 26.45
CA PRO B 132 -5.70 14.79 25.76
C PRO B 132 -5.82 14.39 24.30
N GLY B 133 -5.78 15.42 23.47
CA GLY B 133 -5.81 15.37 22.04
C GLY B 133 -7.11 15.05 21.41
N GLY B 134 -8.20 15.18 22.16
CA GLY B 134 -9.47 14.73 21.65
C GLY B 134 -10.69 15.07 22.48
N CYS B 135 -11.81 14.47 22.12
CA CYS B 135 -13.09 14.76 22.74
C CYS B 135 -13.85 13.42 22.83
N ASN B 136 -14.03 12.88 24.03
CA ASN B 136 -14.69 11.55 24.12
C ASN B 136 -16.20 11.64 23.92
N ASN B 137 -16.76 10.59 23.38
CA ASN B 137 -18.21 10.44 23.37
C ASN B 137 -18.63 10.20 24.89
N PRO B 138 -19.85 10.66 25.30
CA PRO B 138 -20.28 10.44 26.72
C PRO B 138 -20.39 8.94 27.01
N CYS B 139 -20.57 8.04 25.99
CA CYS B 139 -20.68 6.64 26.35
C CYS B 139 -19.35 6.11 26.89
N THR B 140 -18.24 6.57 26.27
CA THR B 140 -16.92 6.10 26.73
C THR B 140 -16.65 6.41 28.16
N VAL B 141 -17.08 7.62 28.57
CA VAL B 141 -16.73 8.29 29.85
C VAL B 141 -17.79 7.92 30.87
N PHE B 142 -19.07 7.85 30.53
CA PHE B 142 -20.07 7.79 31.58
C PHE B 142 -20.80 6.45 31.68
N LYS B 143 -20.92 5.68 30.65
CA LYS B 143 -21.34 4.27 30.90
C LYS B 143 -22.68 4.17 31.67
N THR B 144 -23.69 4.74 31.12
CA THR B 144 -25.04 4.52 31.56
C THR B 144 -25.78 4.19 30.27
N ASN B 145 -27.01 3.65 30.38
CA ASN B 145 -27.70 3.38 29.21
C ASN B 145 -28.09 4.59 28.38
N GLU B 146 -28.38 5.70 29.02
CA GLU B 146 -28.82 6.86 28.28
C GLU B 146 -27.77 7.21 27.24
N TYR B 147 -26.50 6.93 27.52
CA TYR B 147 -25.45 7.21 26.47
C TYR B 147 -24.98 5.97 25.67
N CYS B 148 -25.05 4.78 26.25
CA CYS B 148 -24.43 3.58 25.72
C CYS B 148 -25.41 2.65 25.03
N CYS B 149 -26.71 2.85 25.25
CA CYS B 149 -27.78 2.09 24.52
C CYS B 149 -27.77 0.58 24.77
N THR B 150 -27.18 0.13 25.89
CA THR B 150 -27.01 -1.31 26.16
C THR B 150 -28.36 -2.05 26.41
N ASP B 151 -29.38 -1.34 26.87
CA ASP B 151 -30.68 -1.93 27.20
C ASP B 151 -31.59 -2.31 26.02
N GLY B 152 -31.04 -2.34 24.82
CA GLY B 152 -31.79 -2.89 23.71
C GLY B 152 -32.22 -1.79 22.75
N PRO B 153 -32.75 -2.20 21.56
CA PRO B 153 -33.18 -1.32 20.49
C PRO B 153 -34.24 -0.32 20.91
N GLY B 154 -34.00 0.98 20.70
CA GLY B 154 -34.98 1.99 21.04
C GLY B 154 -34.89 2.49 22.49
N SER B 155 -33.91 1.92 23.22
CA SER B 155 -33.83 2.27 24.68
C SER B 155 -33.01 3.53 24.99
N CYS B 156 -32.42 4.15 23.97
CA CYS B 156 -31.64 5.41 24.18
C CYS B 156 -31.93 6.26 22.98
N GLY B 157 -31.50 7.51 23.07
CA GLY B 157 -31.89 8.53 22.10
C GLY B 157 -30.86 9.63 22.16
N PRO B 158 -31.08 10.69 21.38
CA PRO B 158 -30.04 11.74 21.49
C PRO B 158 -30.06 12.38 22.90
N THR B 159 -28.87 12.86 23.30
CA THR B 159 -28.63 13.54 24.59
C THR B 159 -27.93 14.87 24.35
N THR B 160 -27.83 15.71 25.38
N THR B 160 -27.83 15.70 25.37
CA THR B 160 -27.15 16.97 25.18
CA THR B 160 -27.18 16.96 25.14
C THR B 160 -25.73 16.76 24.71
C THR B 160 -25.72 16.78 24.75
N TYR B 161 -25.06 15.74 25.25
CA TYR B 161 -23.69 15.43 24.78
C TYR B 161 -23.61 14.86 23.33
N SER B 162 -24.48 13.95 22.93
CA SER B 162 -24.46 13.48 21.57
C SER B 162 -24.76 14.60 20.61
N LYS B 163 -25.70 15.51 21.02
CA LYS B 163 -26.09 16.66 20.21
C LYS B 163 -24.90 17.59 19.98
N PHE B 164 -23.96 17.64 20.92
CA PHE B 164 -22.76 18.44 20.77
C PHE B 164 -22.10 18.00 19.47
N PHE B 165 -21.91 16.69 19.32
CA PHE B 165 -21.22 16.18 18.11
C PHE B 165 -22.09 16.27 16.88
N LYS B 166 -23.39 15.97 17.09
CA LYS B 166 -24.34 15.90 15.95
C LYS B 166 -24.63 17.28 15.32
N ASP B 167 -24.66 18.34 16.12
CA ASP B 167 -24.92 19.68 15.54
C ASP B 167 -23.74 20.06 14.68
N ARG B 168 -22.54 19.54 14.99
CA ARG B 168 -21.32 19.98 14.36
C ARG B 168 -21.00 19.06 13.18
N CYS B 169 -21.32 17.77 13.33
CA CYS B 169 -21.04 16.79 12.23
C CYS B 169 -22.32 15.95 12.02
N PRO B 170 -23.31 16.51 11.26
CA PRO B 170 -24.62 15.89 11.22
C PRO B 170 -24.61 14.55 10.54
N ASP B 171 -23.55 14.22 9.79
CA ASP B 171 -23.62 13.00 9.04
C ASP B 171 -22.92 11.85 9.73
N ALA B 172 -22.32 12.11 10.91
CA ALA B 172 -21.58 11.02 11.66
C ALA B 172 -22.40 10.44 12.81
N TYR B 173 -22.13 9.19 13.16
CA TYR B 173 -22.85 8.62 14.36
C TYR B 173 -22.46 9.44 15.58
N SER B 174 -23.46 9.96 16.31
CA SER B 174 -23.19 10.70 17.51
C SER B 174 -23.52 9.83 18.78
N TYR B 175 -24.31 8.78 18.65
CA TYR B 175 -24.55 7.87 19.77
C TYR B 175 -24.80 6.52 19.12
N PRO B 176 -24.83 5.46 19.91
CA PRO B 176 -24.76 4.15 19.25
C PRO B 176 -25.91 3.78 18.39
N GLN B 177 -27.09 4.39 18.59
CA GLN B 177 -28.26 3.99 17.81
C GLN B 177 -28.63 5.09 16.88
N ASP B 178 -27.61 5.83 16.44
CA ASP B 178 -27.78 7.01 15.53
C ASP B 178 -27.96 6.69 14.01
N ASP B 179 -28.43 5.48 13.75
CA ASP B 179 -28.44 4.92 12.40
C ASP B 179 -29.19 5.68 11.30
N LYS B 180 -30.35 6.13 11.62
CA LYS B 180 -31.17 6.69 10.51
C LYS B 180 -30.44 7.77 9.74
N THR B 181 -29.62 8.58 10.41
CA THR B 181 -28.96 9.72 9.81
C THR B 181 -27.48 9.57 9.56
N SER B 182 -26.93 8.41 9.96
CA SER B 182 -25.51 8.19 9.95
C SER B 182 -25.04 6.99 9.20
N LEU B 183 -25.91 6.01 8.93
CA LEU B 183 -25.49 4.81 8.24
C LEU B 183 -25.76 4.91 6.74
N PHE B 184 -24.72 4.82 5.93
CA PHE B 184 -24.86 4.94 4.44
C PHE B 184 -24.48 3.67 3.75
N THR B 185 -24.92 3.52 2.50
CA THR B 185 -24.48 2.34 1.74
C THR B 185 -23.89 2.78 0.42
N CYS B 186 -23.01 1.94 -0.11
CA CYS B 186 -22.49 2.05 -1.47
C CYS B 186 -22.62 0.68 -2.13
N PRO B 187 -22.88 0.66 -3.47
CA PRO B 187 -22.85 -0.65 -4.10
C PRO B 187 -21.47 -1.27 -4.00
N SER B 188 -21.38 -2.54 -3.66
CA SER B 188 -20.09 -3.17 -3.69
C SER B 188 -19.35 -3.01 -4.98
N GLY B 189 -18.03 -2.80 -4.85
CA GLY B 189 -17.13 -2.54 -5.99
C GLY B 189 -16.60 -1.12 -5.96
N THR B 190 -17.22 -0.31 -5.11
CA THR B 190 -16.81 1.07 -4.86
C THR B 190 -15.43 0.99 -4.17
N ASN B 191 -14.57 1.91 -4.52
CA ASN B 191 -13.34 2.09 -3.77
C ASN B 191 -13.40 3.37 -2.99
N TYR B 192 -12.53 3.46 -1.97
CA TYR B 192 -12.64 4.46 -0.96
C TYR B 192 -11.43 5.32 -0.67
N LYS B 193 -11.69 6.50 -0.13
CA LYS B 193 -10.61 7.41 0.28
C LYS B 193 -10.86 7.89 1.70
N VAL B 194 -9.86 7.86 2.58
CA VAL B 194 -10.05 8.46 3.91
C VAL B 194 -9.05 9.62 4.01
N THR B 195 -9.52 10.85 4.25
CA THR B 195 -8.61 12.00 4.28
C THR B 195 -8.65 12.64 5.68
N PHE B 196 -7.50 12.72 6.33
CA PHE B 196 -7.38 13.45 7.56
C PHE B 196 -7.16 14.96 7.29
N CYS B 197 -7.89 15.83 8.01
CA CYS B 197 -7.85 17.28 7.85
C CYS B 197 -8.25 17.66 6.46
N PRO B 198 -9.43 17.19 5.96
CA PRO B 198 -9.90 17.54 4.57
C PRO B 198 -10.09 19.04 4.33
C1 GOL C . -5.94 -5.83 12.36
O1 GOL C . -4.71 -5.79 11.55
C2 GOL C . -6.87 -7.02 12.45
O2 GOL C . -6.25 -8.24 12.43
C3 GOL C . -7.94 -6.83 13.50
O3 GOL C . -8.97 -7.76 13.46
#